data_7YTE
#
_entry.id   7YTE
#
_cell.length_a   85.718
_cell.length_b   85.718
_cell.length_c   60.676
_cell.angle_alpha   90.000
_cell.angle_beta   90.000
_cell.angle_gamma   120.000
#
_symmetry.space_group_name_H-M   'P 3'
#
loop_
_entity.id
_entity.type
_entity.pdbx_description
1 polymer 'Ig mu chain C region secreted form'
2 polymer 'Fas apoptotic inhibitory molecule 3'
#
loop_
_entity_poly.entity_id
_entity_poly.type
_entity_poly.pdbx_seq_one_letter_code
_entity_poly.pdbx_strand_id
1 'polypeptide(L)'
;GVALHRPDVYLLPPAREQLNLRESATITCLVTGFSPADVFVQWMQRGQPLSPEKYVTSAPMPEPQAPGRYFAHSILTVSE
EEWNTGETYTCVVAHEALPNRVTERTVDKSTG
;
A,B
2 'polypeptide(L)'
;RILPEVKVEGELGGSVTIKCPLPEMHVRIYLCREMAGSGTCGTVVSTTNFIKAEYKGRVTLKQYPRKNLFLVEVTQLTES
DSGVYACGAGMNTDRGKTQKVTLNVHS
;
D,C
#
# COMPACT_ATOMS: atom_id res chain seq x y z
N GLY A 1 8.75 -7.39 -32.13
CA GLY A 1 7.45 -7.17 -31.51
C GLY A 1 7.51 -7.16 -30.00
N VAL A 2 6.69 -6.30 -29.39
CA VAL A 2 6.63 -6.20 -27.94
C VAL A 2 5.86 -7.39 -27.39
N ALA A 3 6.46 -8.08 -26.42
CA ALA A 3 5.82 -9.24 -25.83
C ALA A 3 4.61 -8.83 -25.02
N LEU A 4 3.60 -9.70 -24.98
CA LEU A 4 2.40 -9.47 -24.19
C LEU A 4 2.50 -10.20 -22.86
N HIS A 5 2.46 -9.45 -21.76
CA HIS A 5 2.54 -9.99 -20.42
C HIS A 5 1.40 -9.45 -19.60
N ARG A 6 0.72 -10.34 -18.87
CA ARG A 6 -0.47 -9.95 -18.14
C ARG A 6 -0.11 -9.09 -16.92
N PRO A 7 -0.91 -8.08 -16.60
CA PRO A 7 -0.69 -7.34 -15.36
C PRO A 7 -1.17 -8.14 -14.15
N ASP A 8 -0.46 -7.95 -13.05
CA ASP A 8 -0.91 -8.42 -11.75
C ASP A 8 -1.43 -7.24 -10.95
N VAL A 9 -2.66 -7.36 -10.46
CA VAL A 9 -3.35 -6.26 -9.79
C VAL A 9 -3.51 -6.61 -8.32
N TYR A 10 -2.86 -5.82 -7.46
CA TYR A 10 -3.01 -5.94 -6.03
C TYR A 10 -3.63 -4.64 -5.51
N LEU A 11 -4.49 -4.76 -4.51
CA LEU A 11 -5.29 -3.63 -4.05
C LEU A 11 -5.09 -3.50 -2.55
N LEU A 12 -4.61 -2.34 -2.11
CA LEU A 12 -4.19 -2.13 -0.74
C LEU A 12 -5.07 -1.11 -0.05
N PRO A 13 -5.58 -1.41 1.14
CA PRO A 13 -6.42 -0.45 1.86
C PRO A 13 -5.57 0.66 2.45
N PRO A 14 -6.19 1.75 2.92
CA PRO A 14 -5.40 2.84 3.52
C PRO A 14 -4.65 2.35 4.75
N ALA A 15 -3.51 2.99 5.00
CA ALA A 15 -2.71 2.63 6.15
C ALA A 15 -3.43 3.02 7.44
N ARG A 16 -3.21 2.20 8.48
CA ARG A 16 -3.88 2.43 9.75
C ARG A 16 -3.52 3.78 10.34
N GLU A 17 -2.27 4.22 10.14
CA GLU A 17 -1.84 5.51 10.65
C GLU A 17 -2.55 6.67 9.94
N GLN A 18 -2.96 6.47 8.69
CA GLN A 18 -3.74 7.50 8.00
C GLN A 18 -5.17 7.56 8.52
N LEU A 19 -5.77 6.39 8.79
CA LEU A 19 -7.13 6.35 9.30
C LEU A 19 -7.24 6.92 10.70
N ASN A 20 -6.15 6.91 11.47
CA ASN A 20 -6.16 7.48 12.81
C ASN A 20 -6.47 8.97 12.78
N LEU A 21 -6.17 9.64 11.66
CA LEU A 21 -6.48 11.06 11.55
C LEU A 21 -7.97 11.34 11.44
N ARG A 22 -8.76 10.35 11.04
CA ARG A 22 -10.20 10.52 10.84
C ARG A 22 -10.48 11.71 9.92
N GLU A 23 -9.68 11.82 8.86
CA GLU A 23 -9.83 12.90 7.87
C GLU A 23 -10.24 12.25 6.57
N SER A 24 -9.33 11.99 5.64
CA SER A 24 -9.63 11.33 4.38
C SER A 24 -8.83 10.04 4.29
N ALA A 25 -9.29 9.12 3.45
CA ALA A 25 -8.69 7.80 3.30
C ALA A 25 -8.23 7.59 1.87
N THR A 26 -7.06 6.97 1.72
CA THR A 26 -6.41 6.75 0.43
C THR A 26 -6.38 5.26 0.12
N ILE A 27 -7.00 4.88 -1.00
CA ILE A 27 -7.00 3.50 -1.48
C ILE A 27 -6.10 3.43 -2.70
N THR A 28 -5.11 2.54 -2.67
CA THR A 28 -4.12 2.42 -3.73
C THR A 28 -4.33 1.13 -4.49
N CYS A 29 -4.39 1.24 -5.82
CA CYS A 29 -4.47 0.10 -6.72
C CYS A 29 -3.13 -0.05 -7.44
N LEU A 30 -2.50 -1.20 -7.27
CA LEU A 30 -1.15 -1.44 -7.77
C LEU A 30 -1.18 -2.42 -8.93
N VAL A 31 -0.75 -1.96 -10.10
CA VAL A 31 -0.69 -2.77 -11.32
C VAL A 31 0.77 -2.97 -11.69
N THR A 32 1.24 -4.22 -11.67
CA THR A 32 2.65 -4.53 -11.88
C THR A 32 2.81 -5.63 -12.92
N GLY A 33 3.99 -5.63 -13.57
CA GLY A 33 4.41 -6.75 -14.38
C GLY A 33 3.76 -6.87 -15.74
N PHE A 34 3.20 -5.78 -16.27
CA PHE A 34 2.52 -5.81 -17.55
C PHE A 34 3.35 -5.19 -18.67
N SER A 35 3.15 -5.73 -19.87
CA SER A 35 3.76 -5.28 -21.12
C SER A 35 2.71 -5.50 -22.19
N PRO A 36 2.47 -4.54 -23.09
CA PRO A 36 3.04 -3.20 -23.25
C PRO A 36 2.69 -2.22 -22.12
N ALA A 37 3.37 -1.07 -22.11
CA ALA A 37 3.21 -0.09 -21.04
C ALA A 37 1.82 0.53 -21.02
N ASP A 38 1.07 0.45 -22.11
CA ASP A 38 -0.26 1.02 -22.17
C ASP A 38 -1.22 0.28 -21.23
N VAL A 39 -1.82 1.02 -20.29
CA VAL A 39 -2.73 0.42 -19.33
C VAL A 39 -3.83 1.43 -19.00
N PHE A 40 -5.05 0.90 -18.77
CA PHE A 40 -6.20 1.70 -18.39
C PHE A 40 -6.69 1.28 -17.00
N VAL A 41 -6.84 2.24 -16.10
CA VAL A 41 -7.33 2.00 -14.75
C VAL A 41 -8.53 2.91 -14.50
N GLN A 42 -9.62 2.32 -13.99
CA GLN A 42 -10.82 3.08 -13.62
C GLN A 42 -11.32 2.57 -12.28
N TRP A 43 -11.95 3.47 -11.51
CA TRP A 43 -12.49 3.16 -10.21
C TRP A 43 -14.01 3.19 -10.25
N MET A 44 -14.64 2.28 -9.49
CA MET A 44 -16.09 2.21 -9.42
C MET A 44 -16.51 1.97 -7.98
N GLN A 45 -17.64 2.57 -7.59
CA GLN A 45 -18.21 2.41 -6.27
C GLN A 45 -19.71 2.14 -6.41
N ARG A 46 -20.19 1.13 -5.67
CA ARG A 46 -21.60 0.72 -5.74
C ARG A 46 -22.01 0.41 -7.18
N GLY A 47 -21.10 -0.19 -7.93
CA GLY A 47 -21.35 -0.50 -9.32
C GLY A 47 -21.45 0.70 -10.24
N GLN A 48 -20.96 1.86 -9.79
CA GLN A 48 -21.02 3.08 -10.58
C GLN A 48 -19.64 3.72 -10.68
N PRO A 49 -19.29 4.28 -11.82
CA PRO A 49 -17.97 4.92 -11.97
C PRO A 49 -17.86 6.17 -11.11
N LEU A 50 -16.65 6.37 -10.58
CA LEU A 50 -16.35 7.56 -9.79
C LEU A 50 -15.84 8.67 -10.70
N SER A 51 -16.05 9.91 -10.27
CA SER A 51 -15.52 11.04 -11.01
C SER A 51 -14.00 10.96 -11.02
N PRO A 52 -13.36 11.14 -12.18
CA PRO A 52 -11.88 11.10 -12.22
C PRO A 52 -11.22 12.18 -11.37
N GLU A 53 -11.99 13.17 -10.90
CA GLU A 53 -11.46 14.15 -9.95
C GLU A 53 -10.95 13.49 -8.68
N LYS A 54 -11.52 12.35 -8.30
CA LYS A 54 -11.25 11.75 -6.99
C LYS A 54 -10.03 10.84 -6.98
N TYR A 55 -9.47 10.49 -8.14
CA TYR A 55 -8.34 9.57 -8.16
C TYR A 55 -7.32 10.04 -9.20
N VAL A 56 -6.08 9.60 -9.00
CA VAL A 56 -4.97 9.90 -9.89
C VAL A 56 -4.30 8.59 -10.29
N THR A 57 -4.07 8.41 -11.58
CA THR A 57 -3.40 7.23 -12.11
C THR A 57 -1.98 7.63 -12.50
N SER A 58 -1.00 6.93 -11.95
CA SER A 58 0.38 7.27 -12.23
C SER A 58 0.76 6.87 -13.65
N ALA A 59 1.85 7.34 -14.19
CA ALA A 59 2.22 6.93 -15.54
C ALA A 59 2.98 5.66 -15.44
N PRO A 60 2.83 4.77 -16.40
CA PRO A 60 3.53 3.51 -16.27
C PRO A 60 4.98 3.69 -16.37
N MET A 61 5.73 3.18 -15.40
CA MET A 61 7.16 3.27 -15.39
C MET A 61 7.74 1.89 -15.38
N PRO A 62 8.97 1.74 -15.84
CA PRO A 62 9.64 0.46 -15.91
C PRO A 62 9.99 -0.15 -14.60
N GLU A 63 9.63 -1.40 -14.41
CA GLU A 63 9.90 -2.17 -13.22
C GLU A 63 11.33 -2.49 -13.35
N PRO A 64 12.13 -2.07 -12.40
CA PRO A 64 13.58 -2.25 -12.54
C PRO A 64 14.05 -3.69 -12.42
N GLN A 65 13.40 -4.51 -11.59
CA GLN A 65 13.83 -5.88 -11.37
C GLN A 65 13.22 -6.86 -12.37
N ALA A 66 12.43 -6.36 -13.31
CA ALA A 66 11.87 -7.16 -14.40
C ALA A 66 11.92 -6.23 -15.60
N PRO A 67 12.93 -6.38 -16.48
CA PRO A 67 13.17 -5.38 -17.53
C PRO A 67 12.02 -5.13 -18.49
N GLY A 68 11.54 -6.16 -19.17
CA GLY A 68 10.49 -5.98 -20.15
C GLY A 68 9.13 -5.63 -19.61
N ARG A 69 9.00 -5.42 -18.30
CA ARG A 69 7.71 -5.21 -17.67
C ARG A 69 7.65 -3.86 -16.97
N TYR A 70 6.42 -3.37 -16.78
CA TYR A 70 6.14 -2.05 -16.24
C TYR A 70 5.20 -2.15 -15.06
N PHE A 71 5.07 -1.05 -14.32
CA PHE A 71 4.11 -0.97 -13.23
C PHE A 71 3.47 0.41 -13.23
N ALA A 72 2.35 0.53 -12.53
CA ALA A 72 1.63 1.79 -12.44
C ALA A 72 0.74 1.78 -11.21
N HIS A 73 0.51 2.97 -10.65
CA HIS A 73 -0.38 3.16 -9.51
C HIS A 73 -1.62 3.93 -9.91
N SER A 74 -2.70 3.68 -9.17
CA SER A 74 -3.90 4.49 -9.23
C SER A 74 -4.34 4.71 -7.80
N ILE A 75 -4.29 5.96 -7.35
CA ILE A 75 -4.57 6.32 -5.97
C ILE A 75 -5.94 7.00 -5.93
N LEU A 76 -6.86 6.40 -5.18
CA LEU A 76 -8.16 6.97 -4.92
C LEU A 76 -8.23 7.47 -3.48
N THR A 77 -8.63 8.73 -3.30
CA THR A 77 -8.80 9.32 -1.99
C THR A 77 -10.27 9.67 -1.79
N VAL A 78 -10.87 9.04 -0.79
CA VAL A 78 -12.24 9.26 -0.47
C VAL A 78 -12.16 9.72 0.97
N SER A 79 -13.17 9.50 1.78
CA SER A 79 -13.16 9.99 3.14
C SER A 79 -13.10 8.83 4.08
N GLU A 80 -12.60 9.04 5.28
CA GLU A 80 -12.49 7.98 6.26
C GLU A 80 -13.85 7.50 6.60
N GLU A 81 -14.80 8.40 6.62
CA GLU A 81 -16.15 8.05 6.94
C GLU A 81 -16.64 7.00 6.02
N GLU A 82 -16.59 7.25 4.73
CA GLU A 82 -17.11 6.31 3.78
C GLU A 82 -16.37 5.02 3.86
N TRP A 83 -15.07 5.06 4.06
CA TRP A 83 -14.30 3.86 4.10
C TRP A 83 -14.81 3.05 5.22
N ASN A 84 -15.00 3.68 6.36
CA ASN A 84 -15.44 2.98 7.54
C ASN A 84 -16.93 2.75 7.64
N THR A 85 -17.71 3.17 6.66
CA THR A 85 -19.12 2.82 6.68
C THR A 85 -19.16 1.37 6.25
N GLY A 86 -18.42 1.05 5.21
CA GLY A 86 -18.36 -0.31 4.77
C GLY A 86 -18.44 -0.28 3.28
N GLU A 87 -18.17 0.87 2.69
CA GLU A 87 -18.34 1.00 1.25
C GLU A 87 -17.34 0.13 0.50
N THR A 88 -17.79 -0.45 -0.60
CA THR A 88 -16.97 -1.36 -1.39
C THR A 88 -16.49 -0.64 -2.64
N TYR A 89 -15.18 -0.58 -2.82
CA TYR A 89 -14.56 0.12 -3.93
C TYR A 89 -13.92 -0.90 -4.87
N THR A 90 -14.01 -0.62 -6.17
CA THR A 90 -13.54 -1.56 -7.18
C THR A 90 -12.56 -0.87 -8.10
N CYS A 91 -11.39 -1.48 -8.29
CA CYS A 91 -10.39 -1.02 -9.24
C CYS A 91 -10.50 -1.87 -10.50
N VAL A 92 -10.77 -1.23 -11.63
CA VAL A 92 -10.92 -1.91 -12.90
C VAL A 92 -9.69 -1.60 -13.74
N VAL A 93 -8.97 -2.65 -14.14
CA VAL A 93 -7.73 -2.52 -14.90
C VAL A 93 -7.94 -3.18 -16.25
N ALA A 94 -7.71 -2.43 -17.32
CA ALA A 94 -7.84 -2.93 -18.68
C ALA A 94 -6.46 -2.97 -19.32
N HIS A 95 -6.14 -4.06 -20.00
CA HIS A 95 -4.83 -4.21 -20.60
C HIS A 95 -4.94 -5.17 -21.77
N GLU A 96 -4.06 -4.96 -22.76
CA GLU A 96 -4.11 -5.74 -23.99
C GLU A 96 -3.87 -7.23 -23.73
N ALA A 97 -2.99 -7.55 -22.79
CA ALA A 97 -2.54 -8.92 -22.57
C ALA A 97 -3.46 -9.75 -21.69
N LEU A 98 -4.56 -9.18 -21.18
CA LEU A 98 -5.39 -9.98 -20.30
C LEU A 98 -6.30 -10.92 -21.11
N PRO A 99 -6.63 -12.09 -20.53
CA PRO A 99 -7.47 -13.05 -21.27
C PRO A 99 -8.78 -12.47 -21.77
N ASN A 100 -9.51 -11.78 -20.91
CA ASN A 100 -10.76 -11.13 -21.29
C ASN A 100 -10.58 -9.63 -21.54
N ARG A 101 -9.33 -9.20 -21.75
CA ARG A 101 -8.94 -7.81 -22.00
C ARG A 101 -9.27 -6.89 -20.83
N VAL A 102 -9.66 -7.44 -19.68
CA VAL A 102 -10.03 -6.62 -18.52
C VAL A 102 -10.04 -7.52 -17.29
N THR A 103 -9.69 -6.94 -16.15
CA THR A 103 -9.79 -7.62 -14.86
C THR A 103 -10.13 -6.58 -13.81
N GLU A 104 -10.60 -7.05 -12.66
CA GLU A 104 -11.02 -6.14 -11.60
C GLU A 104 -10.69 -6.73 -10.24
N ARG A 105 -10.48 -5.85 -9.28
CA ARG A 105 -10.30 -6.22 -7.88
C ARG A 105 -11.18 -5.33 -7.00
N THR A 106 -11.51 -5.83 -5.82
CA THR A 106 -12.45 -5.17 -4.93
C THR A 106 -11.91 -5.21 -3.52
N VAL A 107 -12.09 -4.12 -2.77
CA VAL A 107 -11.64 -4.05 -1.40
C VAL A 107 -12.55 -3.21 -0.55
N ASP A 108 -12.50 -3.47 0.74
CA ASP A 108 -13.18 -2.72 1.76
C ASP A 108 -12.49 -3.02 3.08
N LYS A 109 -13.07 -2.58 4.17
CA LYS A 109 -12.46 -2.78 5.47
C LYS A 109 -12.46 -4.19 5.96
N SER A 110 -13.40 -4.97 5.47
CA SER A 110 -13.60 -6.33 5.88
C SER A 110 -12.68 -7.39 5.30
N THR A 111 -11.82 -7.03 4.36
CA THR A 111 -10.93 -8.00 3.73
C THR A 111 -9.95 -8.72 4.63
N GLY A 112 -9.04 -7.96 5.22
CA GLY A 112 -8.00 -8.47 6.10
C GLY A 112 -8.39 -9.58 7.04
N GLY B 1 6.36 32.93 -1.88
CA GLY B 1 5.23 33.61 -1.33
C GLY B 1 4.28 32.58 -0.82
N VAL B 2 4.24 31.44 -1.46
CA VAL B 2 3.33 30.38 -1.04
C VAL B 2 3.92 29.70 0.19
N ALA B 3 3.04 29.12 0.98
CA ALA B 3 3.40 28.44 2.20
C ALA B 3 4.17 27.17 1.95
N LEU B 4 4.93 26.76 2.95
CA LEU B 4 5.69 25.53 2.88
C LEU B 4 4.94 24.58 3.75
N HIS B 5 4.64 23.38 3.25
CA HIS B 5 3.88 22.39 4.00
C HIS B 5 4.54 21.05 4.18
N ARG B 6 4.48 20.55 5.40
CA ARG B 6 5.24 19.34 5.70
C ARG B 6 4.60 18.11 5.06
N PRO B 7 5.42 17.15 4.64
CA PRO B 7 4.90 15.88 4.15
C PRO B 7 4.42 14.97 5.28
N ASP B 8 3.37 14.21 4.98
CA ASP B 8 2.93 13.10 5.83
C ASP B 8 3.31 11.81 5.14
N VAL B 9 3.99 10.92 5.86
CA VAL B 9 4.56 9.71 5.29
C VAL B 9 3.79 8.51 5.82
N TYR B 10 3.14 7.77 4.91
CA TYR B 10 2.43 6.54 5.22
C TYR B 10 3.09 5.39 4.48
N LEU B 11 3.12 4.22 5.13
CA LEU B 11 3.89 3.08 4.65
C LEU B 11 2.97 1.86 4.61
N LEU B 12 2.86 1.22 3.44
CA LEU B 12 1.90 0.14 3.23
C LEU B 12 2.61 -1.19 3.06
N PRO B 13 2.17 -2.23 3.78
CA PRO B 13 2.84 -3.54 3.69
C PRO B 13 2.45 -4.28 2.42
N PRO B 14 3.20 -5.32 2.06
CA PRO B 14 2.86 -6.10 0.87
C PRO B 14 1.50 -6.78 0.98
N ALA B 15 0.85 -6.95 -0.17
CA ALA B 15 -0.43 -7.64 -0.24
C ALA B 15 -0.26 -9.14 0.01
N ARG B 16 -1.28 -9.74 0.64
CA ARG B 16 -1.22 -11.16 0.96
C ARG B 16 -1.13 -12.02 -0.30
N GLU B 17 -1.82 -11.60 -1.38
CA GLU B 17 -1.78 -12.37 -2.61
C GLU B 17 -0.40 -12.33 -3.25
N GLN B 18 0.37 -11.27 -3.00
CA GLN B 18 1.74 -11.23 -3.51
C GLN B 18 2.65 -12.16 -2.72
N LEU B 19 2.50 -12.17 -1.39
CA LEU B 19 3.32 -13.05 -0.56
C LEU B 19 2.92 -14.51 -0.72
N ASN B 20 1.65 -14.79 -1.02
CA ASN B 20 1.22 -16.15 -1.30
C ASN B 20 1.92 -16.70 -2.55
N LEU B 21 2.34 -15.81 -3.45
CA LEU B 21 3.10 -16.22 -4.62
C LEU B 21 4.49 -16.70 -4.24
N ARG B 22 4.96 -16.34 -3.04
CA ARG B 22 6.27 -16.72 -2.54
C ARG B 22 7.38 -16.35 -3.52
N GLU B 23 7.24 -15.15 -4.11
CA GLU B 23 8.23 -14.64 -5.05
C GLU B 23 8.84 -13.39 -4.46
N SER B 24 8.37 -12.20 -4.85
CA SER B 24 8.88 -10.94 -4.34
C SER B 24 7.78 -10.17 -3.64
N ALA B 25 8.18 -9.24 -2.78
CA ALA B 25 7.27 -8.44 -1.97
C ALA B 25 7.48 -6.96 -2.25
N THR B 26 6.38 -6.22 -2.33
CA THR B 26 6.40 -4.79 -2.65
C THR B 26 5.95 -3.99 -1.45
N ILE B 27 6.82 -3.09 -0.96
CA ILE B 27 6.50 -2.18 0.13
C ILE B 27 6.36 -0.78 -0.46
N THR B 28 5.24 -0.13 -0.18
CA THR B 28 4.91 1.16 -0.77
C THR B 28 5.02 2.25 0.27
N CYS B 29 5.75 3.31 -0.06
CA CYS B 29 5.88 4.50 0.78
C CYS B 29 5.10 5.63 0.12
N LEU B 30 4.10 6.15 0.83
CA LEU B 30 3.21 7.17 0.30
C LEU B 30 3.50 8.48 1.01
N VAL B 31 3.92 9.49 0.25
CA VAL B 31 4.23 10.82 0.78
C VAL B 31 3.15 11.77 0.27
N THR B 32 2.38 12.33 1.19
CA THR B 32 1.23 13.14 0.84
C THR B 32 1.26 14.47 1.58
N GLY B 33 0.58 15.45 1.01
CA GLY B 33 0.29 16.69 1.70
C GLY B 33 1.41 17.71 1.78
N PHE B 34 2.40 17.64 0.89
CA PHE B 34 3.47 18.63 0.89
C PHE B 34 3.21 19.61 -0.24
N SER B 35 3.61 20.86 -0.03
CA SER B 35 3.32 21.90 -1.02
C SER B 35 4.53 22.22 -1.90
N PRO B 36 5.74 22.41 -1.35
CA PRO B 36 6.92 22.44 -2.23
C PRO B 36 7.11 21.07 -2.86
N ALA B 37 7.05 21.02 -4.19
CA ALA B 37 7.08 19.73 -4.88
C ALA B 37 8.41 19.02 -4.77
N ASP B 38 9.49 19.74 -4.48
CA ASP B 38 10.80 19.10 -4.35
C ASP B 38 10.82 18.23 -3.10
N VAL B 39 11.04 16.93 -3.29
CA VAL B 39 11.12 15.98 -2.20
C VAL B 39 12.08 14.87 -2.61
N PHE B 40 12.84 14.37 -1.65
CA PHE B 40 13.76 13.26 -1.87
C PHE B 40 13.30 12.11 -0.99
N VAL B 41 13.10 10.95 -1.59
CA VAL B 41 12.68 9.75 -0.89
C VAL B 41 13.72 8.67 -1.14
N GLN B 42 14.24 8.09 -0.06
CA GLN B 42 15.22 7.03 -0.11
C GLN B 42 14.87 5.98 0.93
N TRP B 43 15.28 4.74 0.67
CA TRP B 43 14.97 3.62 1.55
C TRP B 43 16.23 3.16 2.27
N MET B 44 16.07 2.73 3.52
CA MET B 44 17.17 2.20 4.30
C MET B 44 16.70 0.95 5.04
N GLN B 45 17.59 -0.05 5.11
CA GLN B 45 17.33 -1.30 5.80
C GLN B 45 18.57 -1.66 6.60
N ARG B 46 18.36 -2.13 7.83
CA ARG B 46 19.46 -2.48 8.75
C ARG B 46 20.39 -1.30 8.98
N GLY B 47 19.82 -0.10 9.05
CA GLY B 47 20.59 1.10 9.27
C GLY B 47 21.50 1.48 8.12
N GLN B 48 21.28 0.91 6.93
CA GLN B 48 22.09 1.18 5.76
C GLN B 48 21.21 1.57 4.59
N PRO B 49 21.65 2.51 3.76
CA PRO B 49 20.84 2.90 2.60
C PRO B 49 20.77 1.75 1.60
N LEU B 50 19.62 1.63 0.94
CA LEU B 50 19.42 0.59 -0.05
C LEU B 50 19.82 1.05 -1.44
N SER B 51 20.22 0.09 -2.26
CA SER B 51 20.59 0.37 -3.65
C SER B 51 19.38 0.91 -4.41
N PRO B 52 19.54 1.97 -5.20
CA PRO B 52 18.41 2.48 -6.00
C PRO B 52 17.87 1.47 -7.01
N GLU B 53 18.59 0.37 -7.24
CA GLU B 53 18.06 -0.71 -8.07
C GLU B 53 16.76 -1.26 -7.50
N LYS B 54 16.61 -1.24 -6.18
CA LYS B 54 15.52 -1.94 -5.51
C LYS B 54 14.25 -1.10 -5.37
N TYR B 55 14.31 0.20 -5.62
CA TYR B 55 13.12 1.03 -5.42
C TYR B 55 12.98 2.06 -6.54
N VAL B 56 11.73 2.49 -6.74
CA VAL B 56 11.37 3.51 -7.71
C VAL B 56 10.52 4.56 -7.00
N THR B 57 10.87 5.83 -7.16
CA THR B 57 10.15 6.93 -6.56
C THR B 57 9.37 7.69 -7.63
N SER B 58 8.07 7.86 -7.40
CA SER B 58 7.21 8.51 -8.39
C SER B 58 7.47 10.02 -8.44
N ALA B 59 7.03 10.63 -9.54
CA ALA B 59 7.10 12.08 -9.72
C ALA B 59 6.02 12.77 -8.88
N PRO B 60 6.31 13.95 -8.34
CA PRO B 60 5.30 14.69 -7.56
C PRO B 60 4.15 15.15 -8.45
N MET B 61 2.96 14.60 -8.18
CA MET B 61 1.73 14.93 -8.89
C MET B 61 0.79 15.74 -7.99
N PRO B 62 -0.04 16.61 -8.58
CA PRO B 62 -0.95 17.41 -7.76
C PRO B 62 -1.94 16.53 -7.01
N GLU B 63 -2.13 16.84 -5.73
CA GLU B 63 -3.02 16.06 -4.88
C GLU B 63 -4.47 16.46 -5.15
N PRO B 64 -5.35 15.52 -5.50
CA PRO B 64 -6.68 15.91 -5.98
C PRO B 64 -7.54 16.58 -4.94
N GLN B 65 -7.36 16.26 -3.65
CA GLN B 65 -8.19 16.82 -2.61
C GLN B 65 -7.70 18.15 -2.06
N ALA B 66 -6.53 18.63 -2.48
CA ALA B 66 -6.00 19.91 -2.01
C ALA B 66 -5.13 20.58 -3.06
N PRO B 67 -5.68 21.63 -3.72
CA PRO B 67 -4.72 22.25 -4.63
C PRO B 67 -3.63 22.93 -3.87
N GLY B 68 -2.44 22.96 -4.45
CA GLY B 68 -1.33 23.59 -3.81
C GLY B 68 -0.66 22.58 -2.96
N ARG B 69 -0.83 21.32 -3.29
CA ARG B 69 -0.24 20.28 -2.52
C ARG B 69 0.05 19.15 -3.43
N TYR B 70 1.07 18.37 -3.12
CA TYR B 70 1.48 17.30 -4.00
C TYR B 70 1.62 15.99 -3.28
N PHE B 71 1.80 14.92 -4.04
CA PHE B 71 2.00 13.61 -3.46
C PHE B 71 2.94 12.81 -4.30
N ALA B 72 3.52 11.78 -3.70
CA ALA B 72 4.38 10.88 -4.45
C ALA B 72 4.44 9.54 -3.73
N HIS B 73 4.58 8.47 -4.51
CA HIS B 73 4.73 7.13 -3.97
C HIS B 73 6.11 6.60 -4.29
N SER B 74 6.60 5.69 -3.44
CA SER B 74 7.88 5.02 -3.65
C SER B 74 7.73 3.54 -3.35
N ILE B 75 8.02 2.71 -4.34
CA ILE B 75 7.89 1.26 -4.23
C ILE B 75 9.25 0.65 -3.98
N LEU B 76 9.39 -0.08 -2.88
CA LEU B 76 10.56 -0.91 -2.63
C LEU B 76 10.14 -2.36 -2.86
N THR B 77 10.88 -3.07 -3.71
CA THR B 77 10.60 -4.47 -3.99
C THR B 77 11.77 -5.31 -3.48
N VAL B 78 11.47 -6.25 -2.59
CA VAL B 78 12.45 -7.17 -2.05
C VAL B 78 11.93 -8.59 -2.23
N SER B 79 12.80 -9.56 -1.94
CA SER B 79 12.39 -10.95 -1.92
C SER B 79 11.40 -11.20 -0.79
N GLU B 80 10.52 -12.17 -1.00
CA GLU B 80 9.62 -12.56 0.08
C GLU B 80 10.40 -13.05 1.29
N GLU B 81 11.53 -13.72 1.06
CA GLU B 81 12.31 -14.28 2.16
C GLU B 81 12.75 -13.21 3.13
N GLU B 82 13.35 -12.12 2.63
CA GLU B 82 13.75 -11.01 3.49
C GLU B 82 12.57 -10.50 4.31
N TRP B 83 11.42 -10.33 3.66
CA TRP B 83 10.23 -9.85 4.37
C TRP B 83 9.80 -10.81 5.45
N ASN B 84 9.79 -12.11 5.15
CA ASN B 84 9.31 -13.11 6.10
C ASN B 84 10.35 -13.54 7.13
N THR B 85 11.63 -13.15 6.95
CA THR B 85 12.60 -13.33 8.02
C THR B 85 12.42 -12.29 9.12
N GLY B 86 11.62 -11.26 8.89
CA GLY B 86 11.41 -10.21 9.87
C GLY B 86 12.25 -8.97 9.65
N GLU B 87 12.85 -8.80 8.47
CA GLU B 87 13.66 -7.62 8.21
C GLU B 87 12.83 -6.35 8.34
N THR B 88 13.44 -5.31 8.87
CA THR B 88 12.78 -4.04 9.17
C THR B 88 13.21 -3.00 8.14
N TYR B 89 12.24 -2.42 7.43
CA TYR B 89 12.51 -1.47 6.35
C TYR B 89 12.03 -0.08 6.73
N THR B 90 12.79 0.94 6.32
CA THR B 90 12.53 2.34 6.68
C THR B 90 12.48 3.20 5.43
N CYS B 91 11.44 4.03 5.33
CA CYS B 91 11.30 5.01 4.26
C CYS B 91 11.74 6.37 4.78
N VAL B 92 12.76 6.96 4.14
CA VAL B 92 13.33 8.25 4.53
C VAL B 92 12.89 9.31 3.53
N VAL B 93 12.22 10.35 4.03
CA VAL B 93 11.69 11.43 3.21
C VAL B 93 12.34 12.74 3.63
N ALA B 94 12.92 13.45 2.67
CA ALA B 94 13.55 14.75 2.91
C ALA B 94 12.74 15.85 2.24
N HIS B 95 12.50 16.93 2.99
CA HIS B 95 11.69 18.04 2.47
C HIS B 95 12.03 19.31 3.26
N GLU B 96 11.85 20.46 2.59
CA GLU B 96 12.21 21.73 3.20
C GLU B 96 11.42 22.00 4.47
N ALA B 97 10.14 21.61 4.51
CA ALA B 97 9.24 22.01 5.58
C ALA B 97 9.38 21.13 6.82
N LEU B 98 10.22 20.11 6.79
CA LEU B 98 10.37 19.24 7.94
C LEU B 98 11.28 19.89 8.98
N PRO B 99 11.07 19.59 10.27
CA PRO B 99 11.88 20.23 11.32
C PRO B 99 13.39 20.07 11.11
N ASN B 100 13.84 18.84 10.87
CA ASN B 100 15.24 18.56 10.57
C ASN B 100 15.48 18.33 9.08
N ARG B 101 14.58 18.82 8.23
CA ARG B 101 14.60 18.62 6.79
C ARG B 101 14.48 17.15 6.39
N VAL B 102 14.07 16.28 7.30
CA VAL B 102 13.98 14.85 7.02
C VAL B 102 13.09 14.20 8.07
N THR B 103 12.36 13.16 7.66
CA THR B 103 11.55 12.35 8.56
C THR B 103 11.58 10.91 8.06
N GLU B 104 11.15 9.99 8.93
CA GLU B 104 11.23 8.57 8.60
C GLU B 104 9.99 7.84 9.12
N ARG B 105 9.65 6.75 8.41
CA ARG B 105 8.64 5.80 8.83
C ARG B 105 9.19 4.40 8.61
N THR B 106 8.69 3.44 9.38
CA THR B 106 9.26 2.10 9.41
C THR B 106 8.17 1.04 9.45
N VAL B 107 8.37 -0.04 8.68
CA VAL B 107 7.47 -1.19 8.69
C VAL B 107 8.30 -2.46 8.75
N ASP B 108 7.70 -3.50 9.32
CA ASP B 108 8.22 -4.86 9.27
C ASP B 108 7.03 -5.80 9.16
N LYS B 109 7.29 -7.10 9.18
CA LYS B 109 6.19 -8.07 9.12
C LYS B 109 5.26 -7.92 10.32
N SER B 110 5.80 -7.51 11.47
CA SER B 110 5.00 -7.44 12.70
C SER B 110 4.23 -6.13 12.83
N THR B 111 4.48 -5.13 11.98
CA THR B 111 3.85 -3.84 12.15
C THR B 111 2.35 -3.93 11.95
N GLY B 112 1.91 -4.47 10.83
CA GLY B 112 0.49 -4.57 10.52
C GLY B 112 -0.12 -5.86 11.01
N ARG C 1 -4.40 -34.79 -0.07
CA ARG C 1 -3.36 -34.66 -1.09
C ARG C 1 -1.97 -34.87 -0.49
N ILE C 2 -1.50 -36.12 -0.53
CA ILE C 2 -0.14 -36.45 -0.13
C ILE C 2 0.70 -36.57 -1.40
N LEU C 3 1.79 -35.82 -1.46
CA LEU C 3 2.49 -35.64 -2.72
C LEU C 3 3.48 -36.77 -2.97
N PRO C 4 3.54 -37.29 -4.19
CA PRO C 4 4.59 -38.25 -4.56
C PRO C 4 5.97 -37.60 -4.47
N GLU C 5 6.98 -38.44 -4.34
CA GLU C 5 8.35 -37.98 -4.17
C GLU C 5 9.28 -38.67 -5.15
N VAL C 6 10.23 -37.91 -5.68
CA VAL C 6 11.32 -38.42 -6.52
C VAL C 6 12.63 -37.93 -5.94
N LYS C 7 13.73 -38.56 -6.38
CA LYS C 7 15.06 -38.25 -5.90
C LYS C 7 16.00 -38.08 -7.08
N VAL C 8 16.79 -37.01 -7.05
CA VAL C 8 17.74 -36.68 -8.12
C VAL C 8 19.12 -36.52 -7.52
N GLU C 9 20.15 -36.74 -8.34
CA GLU C 9 21.53 -36.56 -7.90
C GLU C 9 22.34 -35.81 -8.94
N GLY C 10 23.08 -34.79 -8.47
CA GLY C 10 23.98 -34.04 -9.32
C GLY C 10 25.37 -33.99 -8.71
N GLU C 11 26.33 -33.57 -9.54
CA GLU C 11 27.72 -33.47 -9.13
C GLU C 11 28.08 -32.02 -8.81
N LEU C 12 29.05 -31.84 -7.91
CA LEU C 12 29.54 -30.50 -7.61
C LEU C 12 30.10 -29.85 -8.87
N GLY C 13 29.63 -28.65 -9.17
CA GLY C 13 29.96 -27.99 -10.40
C GLY C 13 29.22 -28.54 -11.61
N GLY C 14 28.47 -29.62 -11.45
CA GLY C 14 27.69 -30.21 -12.51
C GLY C 14 26.30 -29.64 -12.60
N SER C 15 25.37 -30.44 -13.14
CA SER C 15 24.00 -30.00 -13.35
C SER C 15 23.05 -31.15 -13.08
N VAL C 16 21.78 -30.79 -12.87
CA VAL C 16 20.71 -31.76 -12.69
C VAL C 16 19.47 -31.23 -13.41
N THR C 17 18.63 -32.15 -13.89
CA THR C 17 17.42 -31.81 -14.63
C THR C 17 16.23 -32.43 -13.90
N ILE C 18 15.27 -31.59 -13.52
CA ILE C 18 14.10 -31.99 -12.74
C ILE C 18 12.88 -32.00 -13.65
N LYS C 19 12.20 -33.14 -13.70
CA LYS C 19 10.98 -33.31 -14.49
C LYS C 19 9.76 -33.02 -13.64
N CYS C 20 8.81 -32.30 -14.20
CA CYS C 20 7.65 -31.84 -13.44
C CYS C 20 6.39 -31.96 -14.27
N PRO C 21 5.25 -32.19 -13.62
CA PRO C 21 3.98 -32.26 -14.35
C PRO C 21 3.61 -30.89 -14.91
N LEU C 22 3.05 -30.89 -16.12
CA LEU C 22 2.65 -29.67 -16.80
C LEU C 22 1.14 -29.63 -16.95
N PRO C 23 0.42 -28.89 -16.12
CA PRO C 23 -1.04 -28.88 -16.21
C PRO C 23 -1.51 -28.32 -17.54
N GLU C 24 -2.48 -29.03 -18.16
CA GLU C 24 -2.96 -28.62 -19.47
C GLU C 24 -3.57 -27.23 -19.44
N MET C 25 -4.02 -26.78 -18.27
CA MET C 25 -4.58 -25.45 -18.15
C MET C 25 -3.43 -24.46 -18.09
N HIS C 26 -3.53 -23.35 -18.81
CA HIS C 26 -2.47 -22.36 -18.82
C HIS C 26 -2.42 -21.70 -17.45
N VAL C 27 -1.53 -22.21 -16.60
CA VAL C 27 -1.39 -21.75 -15.23
C VAL C 27 0.03 -21.26 -15.02
N ARG C 28 0.26 -20.69 -13.83
CA ARG C 28 1.60 -20.33 -13.42
C ARG C 28 2.35 -21.58 -13.00
N ILE C 29 3.56 -21.73 -13.52
CA ILE C 29 4.35 -22.94 -13.37
C ILE C 29 5.64 -22.60 -12.62
N TYR C 30 5.95 -23.38 -11.59
CA TYR C 30 7.08 -23.03 -10.73
C TYR C 30 7.73 -24.29 -10.16
N LEU C 31 8.98 -24.14 -9.76
CA LEU C 31 9.68 -25.06 -8.87
C LEU C 31 10.11 -24.27 -7.64
N CYS C 32 9.89 -24.84 -6.47
CA CYS C 32 10.21 -24.16 -5.22
C CYS C 32 11.08 -25.06 -4.34
N ARG C 33 11.79 -24.42 -3.41
CA ARG C 33 12.64 -25.10 -2.45
C ARG C 33 12.10 -24.86 -1.05
N GLU C 34 11.87 -25.95 -0.32
CA GLU C 34 11.34 -25.88 1.04
C GLU C 34 12.46 -25.45 1.98
N MET C 35 12.44 -24.18 2.38
CA MET C 35 13.44 -23.64 3.29
C MET C 35 13.10 -24.09 4.71
N ALA C 36 13.91 -25.00 5.26
CA ALA C 36 13.65 -25.52 6.59
C ALA C 36 13.70 -24.40 7.63
N GLY C 37 12.91 -24.56 8.68
CA GLY C 37 12.79 -23.55 9.72
C GLY C 37 11.69 -22.55 9.41
N SER C 38 11.57 -22.16 8.14
CA SER C 38 10.47 -21.29 7.73
C SER C 38 9.19 -22.05 7.50
N GLY C 39 9.26 -23.36 7.24
CA GLY C 39 8.08 -24.16 7.03
C GLY C 39 7.34 -23.89 5.74
N THR C 40 7.99 -23.30 4.74
CA THR C 40 7.33 -22.93 3.50
C THR C 40 8.25 -23.21 2.33
N CYS C 41 7.66 -23.20 1.14
CA CYS C 41 8.37 -23.50 -0.11
C CYS C 41 8.56 -22.19 -0.88
N GLY C 42 9.81 -21.72 -0.94
CA GLY C 42 10.11 -20.48 -1.65
C GLY C 42 10.45 -20.74 -3.11
N THR C 43 9.93 -19.87 -3.97
CA THR C 43 10.08 -20.04 -5.42
C THR C 43 11.55 -19.87 -5.82
N VAL C 44 12.04 -20.80 -6.65
CA VAL C 44 13.40 -20.69 -7.18
C VAL C 44 13.33 -20.23 -8.63
N VAL C 45 12.28 -20.66 -9.35
CA VAL C 45 12.06 -20.23 -10.74
C VAL C 45 10.58 -20.37 -11.03
N SER C 46 10.08 -19.54 -11.94
CA SER C 46 8.67 -19.54 -12.27
C SER C 46 8.48 -18.98 -13.67
N THR C 47 7.31 -19.24 -14.22
CA THR C 47 6.89 -18.64 -15.49
C THR C 47 6.36 -17.23 -15.31
N THR C 48 6.45 -16.68 -14.10
CA THR C 48 6.05 -15.30 -13.82
C THR C 48 7.31 -14.47 -13.60
N ASN C 49 8.29 -14.65 -14.49
CA ASN C 49 9.56 -13.91 -14.48
C ASN C 49 10.12 -13.69 -13.07
N PHE C 50 10.25 -14.78 -12.32
CA PHE C 50 10.92 -14.72 -11.02
C PHE C 50 11.93 -15.85 -10.92
N ILE C 51 13.18 -15.48 -10.62
CA ILE C 51 14.23 -16.43 -10.26
C ILE C 51 14.79 -16.05 -8.91
N LYS C 52 14.83 -17.01 -7.99
CA LYS C 52 15.46 -16.77 -6.69
C LYS C 52 16.91 -16.33 -6.89
N ALA C 53 17.34 -15.38 -6.06
CA ALA C 53 18.63 -14.73 -6.28
C ALA C 53 19.79 -15.72 -6.30
N GLU C 54 19.77 -16.71 -5.39
CA GLU C 54 20.84 -17.69 -5.36
C GLU C 54 20.90 -18.54 -6.61
N TYR C 55 19.81 -18.62 -7.37
CA TYR C 55 19.76 -19.43 -8.57
C TYR C 55 19.74 -18.62 -9.86
N LYS C 56 19.88 -17.31 -9.77
CA LYS C 56 19.82 -16.47 -10.97
C LYS C 56 21.00 -16.77 -11.88
N GLY C 57 20.71 -17.06 -13.15
CA GLY C 57 21.73 -17.36 -14.13
C GLY C 57 22.16 -18.81 -14.19
N ARG C 58 21.65 -19.68 -13.32
CA ARG C 58 22.02 -21.09 -13.32
C ARG C 58 20.83 -22.02 -13.37
N VAL C 59 19.62 -21.51 -13.62
CA VAL C 59 18.40 -22.30 -13.62
C VAL C 59 17.62 -21.98 -14.90
N THR C 60 17.03 -23.01 -15.50
CA THR C 60 16.29 -22.86 -16.75
C THR C 60 14.99 -23.65 -16.66
N LEU C 61 13.88 -23.03 -17.07
CA LEU C 61 12.57 -23.66 -17.09
C LEU C 61 12.10 -23.72 -18.53
N LYS C 62 11.92 -24.94 -19.05
CA LYS C 62 11.51 -25.17 -20.43
C LYS C 62 10.26 -26.06 -20.46
N GLN C 63 9.36 -25.76 -21.39
CA GLN C 63 8.07 -26.42 -21.47
C GLN C 63 7.98 -27.31 -22.71
N TYR C 64 7.27 -28.43 -22.55
CA TYR C 64 7.02 -29.37 -23.65
C TYR C 64 5.57 -29.82 -23.52
N PRO C 65 4.62 -28.99 -24.00
CA PRO C 65 3.20 -29.28 -23.75
C PRO C 65 2.70 -30.58 -24.37
N ARG C 66 3.30 -31.01 -25.47
CA ARG C 66 2.89 -32.29 -26.07
C ARG C 66 3.23 -33.48 -25.17
N LYS C 67 4.14 -33.31 -24.22
CA LYS C 67 4.51 -34.35 -23.28
C LYS C 67 3.95 -34.11 -21.89
N ASN C 68 3.14 -33.06 -21.71
CA ASN C 68 2.59 -32.72 -20.40
C ASN C 68 3.70 -32.62 -19.36
N LEU C 69 4.81 -31.99 -19.75
CA LEU C 69 6.01 -31.94 -18.92
C LEU C 69 6.74 -30.63 -19.13
N PHE C 70 7.28 -30.09 -18.05
CA PHE C 70 8.26 -29.01 -18.12
C PHE C 70 9.50 -29.40 -17.32
N LEU C 71 10.65 -28.87 -17.73
CA LEU C 71 11.93 -29.27 -17.19
C LEU C 71 12.61 -28.08 -16.53
N VAL C 72 13.15 -28.30 -15.34
CA VAL C 72 13.91 -27.28 -14.62
C VAL C 72 15.34 -27.80 -14.50
N GLU C 73 16.25 -27.18 -15.24
CA GLU C 73 17.66 -27.55 -15.21
C GLU C 73 18.44 -26.58 -14.33
N VAL C 74 19.18 -27.13 -13.38
CA VAL C 74 20.02 -26.36 -12.46
C VAL C 74 21.47 -26.68 -12.79
N THR C 75 22.26 -25.66 -13.09
CA THR C 75 23.66 -25.83 -13.44
C THR C 75 24.56 -25.24 -12.34
N GLN C 76 25.84 -25.58 -12.42
CA GLN C 76 26.85 -25.13 -11.46
C GLN C 76 26.39 -25.48 -10.03
N LEU C 77 26.18 -26.77 -9.82
CA LEU C 77 25.62 -27.23 -8.55
C LEU C 77 26.62 -27.01 -7.42
N THR C 78 26.07 -26.80 -6.22
CA THR C 78 26.86 -26.62 -5.01
C THR C 78 26.17 -27.37 -3.87
N GLU C 79 26.90 -27.50 -2.75
CA GLU C 79 26.37 -28.24 -1.62
C GLU C 79 25.13 -27.56 -1.04
N SER C 80 25.03 -26.24 -1.18
CA SER C 80 23.85 -25.53 -0.69
C SER C 80 22.59 -25.88 -1.48
N ASP C 81 22.73 -26.49 -2.66
CA ASP C 81 21.58 -26.87 -3.44
C ASP C 81 20.92 -28.16 -2.95
N SER C 82 21.62 -28.95 -2.14
CA SER C 82 21.04 -30.19 -1.63
C SER C 82 19.90 -29.87 -0.68
N GLY C 83 18.77 -30.54 -0.88
CA GLY C 83 17.60 -30.28 -0.07
C GLY C 83 16.36 -30.81 -0.76
N VAL C 84 15.21 -30.42 -0.22
CA VAL C 84 13.92 -30.85 -0.72
C VAL C 84 13.31 -29.72 -1.55
N TYR C 85 12.91 -30.05 -2.77
CA TYR C 85 12.27 -29.12 -3.68
C TYR C 85 10.83 -29.58 -3.92
N ALA C 86 10.15 -28.92 -4.84
CA ALA C 86 8.78 -29.29 -5.17
C ALA C 86 8.37 -28.63 -6.47
N CYS C 87 7.82 -29.43 -7.39
CA CYS C 87 7.14 -28.88 -8.56
C CYS C 87 5.78 -28.37 -8.13
N GLY C 88 5.22 -27.45 -8.91
CA GLY C 88 3.93 -26.91 -8.52
C GLY C 88 3.31 -26.07 -9.61
N ALA C 89 2.06 -25.71 -9.38
CA ALA C 89 1.31 -24.83 -10.27
C ALA C 89 0.34 -23.99 -9.44
N GLY C 90 -0.03 -22.84 -9.98
CA GLY C 90 -0.97 -21.95 -9.34
C GLY C 90 -0.31 -20.70 -8.79
N MET C 91 -1.16 -19.80 -8.30
CA MET C 91 -0.69 -18.55 -7.71
C MET C 91 -0.32 -18.68 -6.24
N ASN C 92 -0.61 -19.81 -5.62
CA ASN C 92 -0.16 -20.04 -4.28
C ASN C 92 0.94 -21.02 -4.48
N THR C 93 2.11 -20.72 -3.98
CA THR C 93 3.27 -21.56 -4.16
C THR C 93 3.46 -22.55 -3.05
N ASP C 94 3.00 -22.23 -1.87
CA ASP C 94 3.11 -23.09 -0.75
C ASP C 94 2.11 -24.17 -0.97
N ARG C 95 0.93 -23.82 -1.39
CA ARG C 95 -0.07 -24.81 -1.71
C ARG C 95 0.00 -25.15 -3.17
N GLY C 96 -0.94 -25.90 -3.69
CA GLY C 96 -0.85 -26.22 -5.10
C GLY C 96 0.43 -26.91 -5.54
N LYS C 97 1.19 -27.39 -4.60
CA LYS C 97 2.36 -28.16 -4.99
C LYS C 97 1.89 -29.46 -5.65
N THR C 98 2.62 -29.91 -6.67
CA THR C 98 2.18 -31.07 -7.44
C THR C 98 3.06 -32.30 -7.25
N GLN C 99 4.37 -32.14 -7.08
CA GLN C 99 5.23 -33.27 -6.74
C GLN C 99 6.41 -32.75 -5.95
N LYS C 100 7.09 -33.66 -5.25
CA LYS C 100 8.21 -33.33 -4.38
C LYS C 100 9.50 -33.93 -4.93
N VAL C 101 10.54 -33.11 -5.00
CA VAL C 101 11.83 -33.50 -5.55
C VAL C 101 12.90 -33.27 -4.50
N THR C 102 13.68 -34.31 -4.21
CA THR C 102 14.78 -34.24 -3.25
C THR C 102 16.10 -34.38 -3.99
N LEU C 103 16.95 -33.37 -3.88
CA LEU C 103 18.23 -33.31 -4.58
C LEU C 103 19.40 -33.48 -3.61
N ASN C 104 20.36 -34.30 -4.00
CA ASN C 104 21.59 -34.49 -3.24
C ASN C 104 22.78 -34.23 -4.17
N VAL C 105 23.51 -33.16 -3.90
CA VAL C 105 24.72 -32.83 -4.67
C VAL C 105 25.91 -33.49 -3.98
N HIS C 106 26.59 -34.37 -4.70
CA HIS C 106 27.71 -35.14 -4.20
C HIS C 106 28.97 -34.84 -5.01
N SER C 107 30.12 -35.09 -4.40
CA SER C 107 31.40 -34.87 -5.08
C SER C 107 31.61 -35.93 -6.16
N LEU D 3 -11.31 14.83 31.40
CA LEU D 3 -11.39 15.77 30.29
C LEU D 3 -12.41 16.87 30.59
N PRO D 4 -12.06 18.12 30.29
CA PRO D 4 -13.02 19.21 30.46
C PRO D 4 -14.22 19.05 29.54
N GLU D 5 -15.35 19.62 29.97
CA GLU D 5 -16.59 19.59 29.22
C GLU D 5 -17.19 20.99 29.19
N VAL D 6 -17.66 21.39 28.00
CA VAL D 6 -18.44 22.61 27.87
C VAL D 6 -19.67 22.32 27.02
N LYS D 7 -20.65 23.21 27.11
CA LYS D 7 -21.90 23.09 26.38
C LYS D 7 -22.24 24.41 25.73
N VAL D 8 -22.69 24.35 24.47
CA VAL D 8 -23.00 25.54 23.69
C VAL D 8 -24.45 25.46 23.25
N GLU D 9 -25.03 26.62 23.00
CA GLU D 9 -26.36 26.73 22.42
C GLU D 9 -26.28 27.77 21.32
N GLY D 10 -26.74 27.41 20.12
CA GLY D 10 -26.70 28.31 18.98
C GLY D 10 -28.06 28.45 18.34
N GLU D 11 -28.16 29.47 17.50
CA GLU D 11 -29.39 29.79 16.81
C GLU D 11 -29.33 29.26 15.37
N LEU D 12 -30.49 28.86 14.86
CA LEU D 12 -30.58 28.42 13.47
C LEU D 12 -30.21 29.57 12.54
N GLY D 13 -29.29 29.30 11.61
CA GLY D 13 -28.77 30.33 10.74
C GLY D 13 -27.77 31.28 11.36
N GLY D 14 -27.53 31.18 12.66
CA GLY D 14 -26.56 32.02 13.34
C GLY D 14 -25.17 31.43 13.31
N SER D 15 -24.36 31.79 14.31
CA SER D 15 -22.98 31.35 14.38
C SER D 15 -22.62 31.07 15.84
N VAL D 16 -21.56 30.26 16.01
CA VAL D 16 -21.00 29.95 17.31
C VAL D 16 -19.48 29.91 17.19
N THR D 17 -18.81 30.19 18.30
CA THR D 17 -17.36 30.21 18.35
C THR D 17 -16.89 29.23 19.42
N ILE D 18 -16.09 28.25 19.02
CA ILE D 18 -15.61 27.21 19.92
C ILE D 18 -14.12 27.45 20.15
N LYS D 19 -13.76 27.69 21.40
CA LYS D 19 -12.37 27.90 21.80
C LYS D 19 -11.78 26.60 22.35
N CYS D 20 -10.55 26.31 21.96
CA CYS D 20 -9.91 25.06 22.31
C CYS D 20 -8.45 25.33 22.66
N PRO D 21 -7.88 24.55 23.58
CA PRO D 21 -6.48 24.79 23.99
C PRO D 21 -5.47 24.50 22.91
N LEU D 22 -4.44 25.34 22.84
CA LEU D 22 -3.33 25.20 21.90
C LEU D 22 -2.06 24.97 22.71
N PRO D 23 -1.70 23.70 22.98
CA PRO D 23 -0.50 23.42 23.78
C PRO D 23 0.83 23.60 23.04
N GLU D 24 0.94 22.99 21.86
CA GLU D 24 2.18 22.94 21.09
C GLU D 24 1.98 23.52 19.71
N MET D 25 2.96 24.30 19.24
CA MET D 25 2.87 24.95 17.94
C MET D 25 3.20 24.04 16.77
N HIS D 26 3.93 22.93 16.99
CA HIS D 26 4.31 22.02 15.91
C HIS D 26 3.58 20.68 15.97
N VAL D 27 2.30 20.69 16.36
CA VAL D 27 1.49 19.48 16.41
C VAL D 27 0.25 19.68 15.55
N ARG D 28 -0.50 18.60 15.36
CA ARG D 28 -1.77 18.67 14.65
C ARG D 28 -2.85 19.24 15.56
N ILE D 29 -3.59 20.21 15.06
CA ILE D 29 -4.64 20.90 15.81
C ILE D 29 -5.96 20.67 15.08
N TYR D 30 -6.97 20.20 15.81
CA TYR D 30 -8.21 19.80 15.15
C TYR D 30 -9.40 19.96 16.08
N LEU D 31 -10.58 20.03 15.45
CA LEU D 31 -11.87 19.84 16.10
C LEU D 31 -12.56 18.66 15.43
N CYS D 32 -13.14 17.76 16.22
CA CYS D 32 -13.80 16.58 15.67
C CYS D 32 -15.22 16.49 16.22
N ARG D 33 -16.05 15.75 15.50
CA ARG D 33 -17.44 15.50 15.87
C ARG D 33 -17.63 14.01 16.12
N GLU D 34 -18.16 13.67 17.29
CA GLU D 34 -18.39 12.27 17.66
C GLU D 34 -19.61 11.77 16.91
N MET D 35 -19.37 11.02 15.83
CA MET D 35 -20.46 10.43 15.06
C MET D 35 -20.97 9.21 15.82
N ALA D 36 -22.18 9.32 16.37
CA ALA D 36 -22.73 8.24 17.20
C ALA D 36 -22.85 6.93 16.43
N GLY D 37 -23.15 7.00 15.13
CA GLY D 37 -23.32 5.79 14.35
C GLY D 37 -22.02 5.03 14.18
N SER D 38 -20.93 5.75 13.94
CA SER D 38 -19.61 5.13 13.83
C SER D 38 -18.96 4.86 15.17
N GLY D 39 -19.41 5.54 16.24
CA GLY D 39 -18.79 5.35 17.54
C GLY D 39 -17.41 5.97 17.64
N THR D 40 -17.10 6.94 16.80
CA THR D 40 -15.78 7.56 16.73
C THR D 40 -15.96 9.05 16.50
N CYS D 41 -14.86 9.80 16.67
CA CYS D 41 -14.87 11.24 16.51
C CYS D 41 -14.23 11.58 15.16
N GLY D 42 -15.05 12.02 14.22
CA GLY D 42 -14.56 12.36 12.89
C GLY D 42 -14.18 13.83 12.80
N THR D 43 -13.07 14.10 12.12
CA THR D 43 -12.54 15.45 12.04
C THR D 43 -13.49 16.37 11.27
N VAL D 44 -13.76 17.54 11.84
CA VAL D 44 -14.55 18.56 11.18
C VAL D 44 -13.66 19.66 10.60
N VAL D 45 -12.58 19.99 11.30
CA VAL D 45 -11.61 20.97 10.83
C VAL D 45 -10.28 20.66 11.49
N SER D 46 -9.19 20.99 10.79
CA SER D 46 -7.85 20.68 11.27
C SER D 46 -6.88 21.63 10.60
N THR D 47 -5.66 21.68 11.16
CA THR D 47 -4.57 22.39 10.50
C THR D 47 -3.95 21.56 9.40
N THR D 48 -4.57 20.43 9.07
CA THR D 48 -4.15 19.57 7.98
C THR D 48 -5.12 19.71 6.80
N ASN D 49 -5.52 20.95 6.53
CA ASN D 49 -6.39 21.33 5.40
C ASN D 49 -7.50 20.31 5.15
N PHE D 50 -8.29 20.06 6.19
CA PHE D 50 -9.45 19.17 6.05
C PHE D 50 -10.68 19.89 6.59
N ILE D 51 -11.69 20.01 5.74
CA ILE D 51 -13.02 20.49 6.14
C ILE D 51 -14.00 19.40 5.75
N LYS D 52 -14.77 18.93 6.72
CA LYS D 52 -15.82 17.95 6.43
C LYS D 52 -16.81 18.52 5.44
N ALA D 53 -17.31 17.67 4.54
CA ALA D 53 -18.16 18.14 3.45
C ALA D 53 -19.38 18.88 3.97
N GLU D 54 -19.99 18.37 5.05
CA GLU D 54 -21.14 19.04 5.65
C GLU D 54 -20.78 20.40 6.24
N TYR D 55 -19.51 20.63 6.54
CA TYR D 55 -19.05 21.88 7.15
C TYR D 55 -18.24 22.74 6.18
N LYS D 56 -18.17 22.36 4.91
CA LYS D 56 -17.37 23.12 3.95
C LYS D 56 -17.90 24.53 3.77
N GLY D 57 -17.03 25.52 3.91
CA GLY D 57 -17.43 26.91 3.77
C GLY D 57 -18.05 27.52 5.01
N ARG D 58 -18.16 26.77 6.11
CA ARG D 58 -18.80 27.25 7.32
C ARG D 58 -17.91 27.17 8.55
N VAL D 59 -16.63 26.85 8.38
CA VAL D 59 -15.74 26.66 9.52
C VAL D 59 -14.44 27.41 9.28
N THR D 60 -13.94 28.07 10.32
CA THR D 60 -12.69 28.82 10.26
C THR D 60 -11.92 28.52 11.53
N LEU D 61 -10.63 28.23 11.38
CA LEU D 61 -9.74 27.92 12.49
C LEU D 61 -8.67 28.99 12.59
N LYS D 62 -8.64 29.69 13.71
CA LYS D 62 -7.68 30.76 13.96
C LYS D 62 -6.94 30.46 15.26
N GLN D 63 -5.64 30.72 15.27
CA GLN D 63 -4.78 30.35 16.38
C GLN D 63 -4.30 31.59 17.13
N TYR D 64 -4.18 31.47 18.44
CA TYR D 64 -3.71 32.55 19.30
C TYR D 64 -2.78 31.95 20.35
N PRO D 65 -1.52 31.71 19.99
CA PRO D 65 -0.61 31.02 20.92
C PRO D 65 -0.33 31.82 22.18
N ARG D 66 -0.41 33.15 22.11
CA ARG D 66 -0.21 33.98 23.29
C ARG D 66 -1.28 33.75 24.34
N LYS D 67 -2.42 33.19 23.96
CA LYS D 67 -3.48 32.83 24.88
C LYS D 67 -3.56 31.32 25.10
N ASN D 68 -2.61 30.57 24.53
CA ASN D 68 -2.55 29.11 24.62
C ASN D 68 -3.86 28.46 24.20
N LEU D 69 -4.46 29.01 23.15
CA LEU D 69 -5.77 28.55 22.69
C LEU D 69 -5.85 28.74 21.18
N PHE D 70 -6.61 27.88 20.52
CA PHE D 70 -6.99 28.09 19.14
C PHE D 70 -8.51 28.12 19.04
N LEU D 71 -9.00 28.85 18.04
CA LEU D 71 -10.42 29.19 17.94
C LEU D 71 -11.00 28.62 16.67
N VAL D 72 -12.15 27.96 16.79
CA VAL D 72 -12.89 27.42 15.66
C VAL D 72 -14.24 28.14 15.63
N GLU D 73 -14.44 28.99 14.63
CA GLU D 73 -15.69 29.72 14.46
C GLU D 73 -16.52 29.01 13.39
N VAL D 74 -17.75 28.66 13.75
CA VAL D 74 -18.68 27.98 12.86
C VAL D 74 -19.82 28.94 12.55
N THR D 75 -20.03 29.21 11.26
CA THR D 75 -21.07 30.10 10.78
C THR D 75 -22.10 29.31 9.97
N GLN D 76 -23.21 29.98 9.68
CA GLN D 76 -24.31 29.39 8.90
C GLN D 76 -24.77 28.06 9.50
N LEU D 77 -25.16 28.15 10.77
CA LEU D 77 -25.51 26.97 11.53
C LEU D 77 -26.78 26.30 11.01
N THR D 78 -26.87 24.99 11.22
CA THR D 78 -28.06 24.22 10.89
C THR D 78 -28.31 23.21 12.01
N GLU D 79 -29.53 22.66 12.03
CA GLU D 79 -29.91 21.75 13.09
C GLU D 79 -29.14 20.44 13.02
N SER D 80 -28.68 20.04 11.84
CA SER D 80 -27.88 18.82 11.72
C SER D 80 -26.53 18.94 12.41
N ASP D 81 -26.11 20.15 12.78
CA ASP D 81 -24.85 20.37 13.49
C ASP D 81 -24.96 20.00 14.97
N SER D 82 -26.16 19.83 15.49
CA SER D 82 -26.34 19.51 16.90
C SER D 82 -25.75 18.15 17.22
N GLY D 83 -24.95 18.10 18.29
CA GLY D 83 -24.29 16.88 18.70
C GLY D 83 -23.13 17.19 19.62
N VAL D 84 -22.33 16.16 19.87
CA VAL D 84 -21.18 16.25 20.77
C VAL D 84 -19.91 16.33 19.91
N TYR D 85 -19.09 17.34 20.19
CA TYR D 85 -17.83 17.57 19.51
C TYR D 85 -16.68 17.37 20.49
N ALA D 86 -15.46 17.67 20.03
CA ALA D 86 -14.28 17.55 20.87
C ALA D 86 -13.08 18.29 20.28
N CYS D 87 -12.42 19.09 21.10
CA CYS D 87 -11.12 19.63 20.73
C CYS D 87 -10.06 18.55 20.91
N GLY D 88 -8.94 18.72 20.21
CA GLY D 88 -7.89 17.71 20.32
C GLY D 88 -6.62 18.15 19.64
N ALA D 89 -5.59 17.35 19.85
CA ALA D 89 -4.29 17.55 19.22
C ALA D 89 -3.64 16.20 18.99
N GLY D 90 -2.76 16.14 18.00
CA GLY D 90 -2.02 14.92 17.68
C GLY D 90 -2.48 14.29 16.39
N MET D 91 -1.77 13.23 16.01
CA MET D 91 -2.10 12.49 14.80
C MET D 91 -3.17 11.43 15.01
N ASN D 92 -3.58 11.19 16.25
CA ASN D 92 -4.72 10.34 16.57
C ASN D 92 -5.87 11.24 17.03
N THR D 93 -6.96 11.24 16.26
CA THR D 93 -8.08 12.13 16.57
C THR D 93 -8.89 11.62 17.75
N ASP D 94 -9.09 10.29 17.83
CA ASP D 94 -9.88 9.71 18.91
C ASP D 94 -9.10 9.72 20.24
N ARG D 95 -7.84 9.27 20.22
CA ARG D 95 -7.08 9.17 21.45
C ARG D 95 -6.68 10.55 21.98
N GLY D 96 -6.05 11.36 21.14
CA GLY D 96 -5.73 12.72 21.52
C GLY D 96 -6.99 13.54 21.65
N LYS D 97 -7.30 14.01 22.86
CA LYS D 97 -8.48 14.86 23.07
C LYS D 97 -8.18 15.83 24.20
N THR D 98 -8.63 17.07 24.04
CA THR D 98 -8.36 18.13 25.02
C THR D 98 -9.61 18.68 25.68
N GLN D 99 -10.72 18.79 24.95
CA GLN D 99 -11.97 19.28 25.51
C GLN D 99 -13.14 18.65 24.77
N LYS D 100 -14.30 18.68 25.43
CA LYS D 100 -15.53 18.16 24.86
C LYS D 100 -16.50 19.33 24.71
N VAL D 101 -17.10 19.46 23.54
CA VAL D 101 -18.00 20.55 23.21
C VAL D 101 -19.32 19.97 22.76
N THR D 102 -20.42 20.38 23.41
CA THR D 102 -21.75 19.94 23.04
C THR D 102 -22.53 21.13 22.51
N LEU D 103 -22.94 21.05 21.25
CA LEU D 103 -23.66 22.11 20.58
C LEU D 103 -25.02 21.65 20.17
N ASN D 104 -26.03 22.45 20.46
CA ASN D 104 -27.41 22.16 20.15
C ASN D 104 -27.95 23.35 19.43
N VAL D 105 -28.45 23.20 18.23
CA VAL D 105 -29.00 24.33 17.55
C VAL D 105 -30.49 24.38 17.75
N HIS D 106 -30.96 25.49 18.27
CA HIS D 106 -32.35 25.67 18.61
C HIS D 106 -33.04 26.60 17.66
N SER D 107 -34.22 26.21 17.20
CA SER D 107 -34.99 27.04 16.30
C SER D 107 -35.70 28.07 17.14
#